data_6X8F
#
_entry.id   6X8F
#
_cell.length_a   74.275
_cell.length_b   36.098
_cell.length_c   100.256
_cell.angle_alpha   90.000
_cell.angle_beta   91.150
_cell.angle_gamma   90.000
#
_symmetry.space_group_name_H-M   'P 1 21 1'
#
loop_
_entity.id
_entity.type
_entity.pdbx_description
1 polymer 'Non-receptor tyrosine-protein kinase TYK2'
2 non-polymer [3-{4-[6-(1-methyl-1H-pyrazol-4-yl)pyrazolo[1,5-a]pyrazin-4-yl]-1H-pyrazol-1-yl}-1-(2,2,2-trifluoroethyl)azetidin-3-yl]acetonitrile
3 water water
#
_entity_poly.entity_id   1
_entity_poly.type   'polypeptide(L)'
_entity_poly.pdbx_seq_one_letter_code
;MAHHHHHHHHHHGALEVLFQGPGDPTVFHKRYLKKIRDLGEGHFGKVSLYCYDPTNDGTGEMVAVKALKADAGPQHRSGW
KQEIDILRTLYHEHIIKYKGCCEDAGAASLQLVMEYVPLGSLRDYLPRHSIGLAQLLLFAQQICEGMAYLHSQHYIHRDL
AARNVLLDNDRLVKIGDFGLAKAVPEGHE(PTR)YRVREDGDSPVFWYAPECLKEYKFYYASDVWSFGVTLYELLTHCDS
SQSPPTKFLELIGIAQGQMTVLRLTELLERGERLPRPDKCPAEVYHLMKNCWETEASFRPTFENLIPILKTVHEKYQGQA
PS
;
_entity_poly.pdbx_strand_id   A,C
#
loop_
_chem_comp.id
_chem_comp.type
_chem_comp.name
_chem_comp.formula
UWP non-polymer [3-{4-[6-(1-methyl-1H-pyrazol-4-yl)pyrazolo[1,5-a]pyrazin-4-yl]-1H-pyrazol-1-yl}-1-(2,2,2-trifluoroethyl)azetidin-3-yl]acetonitrile 'C20 H18 F3 N9'
#
# COMPACT_ATOMS: atom_id res chain seq x y z
N PRO A 25 26.23 34.33 -6.20
CA PRO A 25 27.34 35.20 -6.64
C PRO A 25 26.96 36.68 -6.73
N THR A 26 25.67 36.98 -7.00
CA THR A 26 25.11 38.34 -7.08
C THR A 26 25.15 38.96 -5.68
N VAL A 27 25.56 40.23 -5.62
CA VAL A 27 25.68 40.98 -4.37
C VAL A 27 24.61 42.09 -4.28
N PHE A 28 23.66 41.93 -3.35
CA PHE A 28 22.58 42.86 -3.08
C PHE A 28 23.05 43.77 -1.97
N HIS A 29 22.94 45.08 -2.16
CA HIS A 29 23.41 46.03 -1.16
C HIS A 29 22.31 46.31 -0.13
N LYS A 30 22.62 46.03 1.14
CA LYS A 30 21.75 46.13 2.31
C LYS A 30 20.97 47.45 2.41
N ARG A 31 21.57 48.57 1.95
CA ARG A 31 20.96 49.91 1.98
C ARG A 31 19.73 50.02 1.07
N TYR A 32 19.73 49.32 -0.09
CA TYR A 32 18.63 49.34 -1.06
C TYR A 32 17.49 48.40 -0.70
N LEU A 33 17.76 47.46 0.22
CA LEU A 33 16.78 46.49 0.69
C LEU A 33 15.85 47.10 1.73
N LYS A 34 14.63 47.42 1.31
CA LYS A 34 13.58 48.00 2.13
C LYS A 34 12.58 46.91 2.52
N LYS A 35 12.55 46.55 3.83
CA LYS A 35 11.66 45.52 4.36
C LYS A 35 10.22 45.92 4.17
N ILE A 36 9.37 44.98 3.74
CA ILE A 36 7.95 45.25 3.53
C ILE A 36 7.13 44.57 4.62
N ARG A 37 7.32 43.23 4.76
CA ARG A 37 6.66 42.37 5.74
C ARG A 37 7.39 41.06 5.90
N ASP A 38 7.18 40.38 7.03
CA ASP A 38 7.71 39.05 7.27
C ASP A 38 6.78 38.10 6.50
N LEU A 39 7.37 37.10 5.82
CA LEU A 39 6.63 36.11 5.05
C LEU A 39 6.43 34.79 5.82
N GLY A 40 7.49 34.35 6.51
CA GLY A 40 7.48 33.13 7.29
C GLY A 40 8.73 32.91 8.13
N GLU A 41 8.66 31.99 9.11
CA GLU A 41 9.80 31.64 9.96
C GLU A 41 9.79 30.18 10.43
N GLY A 42 11.00 29.65 10.58
CA GLY A 42 11.26 28.32 11.08
C GLY A 42 11.92 28.42 12.45
N HIS A 43 12.44 27.30 12.95
CA HIS A 43 13.08 27.23 14.26
C HIS A 43 14.30 28.14 14.35
N PHE A 44 15.11 28.20 13.26
CA PHE A 44 16.33 29.04 13.22
C PHE A 44 16.46 29.87 11.92
N GLY A 45 15.36 29.99 11.19
CA GLY A 45 15.30 30.76 9.95
C GLY A 45 14.11 31.69 9.89
N LYS A 46 14.23 32.76 9.11
CA LYS A 46 13.17 33.76 8.89
C LYS A 46 13.26 34.23 7.42
N VAL A 47 12.10 34.36 6.74
CA VAL A 47 12.00 34.82 5.36
C VAL A 47 11.11 36.07 5.30
N SER A 48 11.67 37.16 4.78
CA SER A 48 10.92 38.41 4.70
C SER A 48 10.84 38.98 3.28
N LEU A 49 9.77 39.69 2.97
CA LEU A 49 9.61 40.37 1.68
C LEU A 49 10.27 41.74 1.72
N TYR A 50 11.06 42.02 0.70
CA TYR A 50 11.78 43.28 0.59
C TYR A 50 11.63 43.89 -0.79
N CYS A 51 11.70 45.22 -0.85
CA CYS A 51 11.77 45.95 -2.11
C CYS A 51 13.24 46.34 -2.26
N TYR A 52 13.87 45.95 -3.36
CA TYR A 52 15.26 46.30 -3.64
C TYR A 52 15.22 47.51 -4.57
N ASP A 53 15.15 48.70 -3.95
CA ASP A 53 15.05 49.98 -4.63
C ASP A 53 16.32 50.84 -4.50
N PRO A 54 17.29 50.71 -5.44
CA PRO A 54 18.49 51.56 -5.39
C PRO A 54 18.18 53.06 -5.57
N THR A 55 17.11 53.37 -6.32
CA THR A 55 16.59 54.73 -6.56
C THR A 55 15.62 55.08 -5.43
N ASN A 56 14.30 54.81 -5.66
CA ASN A 56 13.10 54.95 -4.79
C ASN A 56 11.81 54.92 -5.66
N ASP A 57 11.99 54.83 -6.99
CA ASP A 57 10.91 54.77 -7.99
C ASP A 57 10.28 53.37 -8.15
N GLY A 58 9.23 53.29 -8.97
CA GLY A 58 8.45 52.08 -9.26
C GLY A 58 9.17 50.84 -9.72
N THR A 59 10.42 50.98 -10.22
CA THR A 59 11.25 49.87 -10.70
C THR A 59 11.62 48.87 -9.59
N GLY A 60 11.58 49.31 -8.32
CA GLY A 60 11.91 48.51 -7.14
C GLY A 60 11.43 47.06 -7.17
N GLU A 61 12.36 46.14 -7.43
CA GLU A 61 12.03 44.72 -7.54
C GLU A 61 11.79 44.04 -6.19
N MET A 62 10.71 43.22 -6.13
CA MET A 62 10.31 42.50 -4.94
C MET A 62 11.08 41.21 -4.82
N VAL A 63 11.81 41.07 -3.70
CA VAL A 63 12.63 39.91 -3.41
C VAL A 63 12.26 39.31 -2.06
N ALA A 64 12.44 37.99 -1.93
CA ALA A 64 12.27 37.27 -0.68
C ALA A 64 13.67 37.08 -0.10
N VAL A 65 13.88 37.52 1.16
CA VAL A 65 15.19 37.41 1.81
C VAL A 65 15.12 36.49 3.05
N LYS A 66 15.92 35.42 3.01
CA LYS A 66 16.02 34.41 4.06
C LYS A 66 17.26 34.65 4.90
N ALA A 67 17.09 34.74 6.22
CA ALA A 67 18.17 34.92 7.18
C ALA A 67 18.01 34.01 8.39
N LEU A 68 19.14 33.75 9.04
CA LEU A 68 19.32 32.91 10.22
C LEU A 68 18.93 33.70 11.47
N LYS A 69 18.01 33.14 12.27
CA LYS A 69 17.55 33.75 13.53
C LYS A 69 18.77 33.88 14.49
N ALA A 70 18.66 34.73 15.54
CA ALA A 70 19.78 34.91 16.47
C ALA A 70 20.17 33.64 17.25
N ASP A 71 19.16 32.83 17.65
CA ASP A 71 19.31 31.63 18.47
C ASP A 71 20.10 30.48 17.80
N ALA A 72 20.20 30.45 16.47
CA ALA A 72 20.90 29.40 15.71
C ALA A 72 22.30 29.04 16.25
N GLY A 73 22.54 27.74 16.41
CA GLY A 73 23.81 27.19 16.91
C GLY A 73 24.87 27.11 15.83
N PRO A 74 26.11 26.63 16.13
CA PRO A 74 27.15 26.58 15.08
C PRO A 74 26.99 25.45 14.04
N GLN A 75 26.16 24.42 14.36
CA GLN A 75 25.85 23.30 13.47
C GLN A 75 24.97 23.87 12.34
N HIS A 76 23.84 24.49 12.72
CA HIS A 76 22.93 25.08 11.77
C HIS A 76 23.54 26.28 11.06
N ARG A 77 24.48 27.00 11.71
CA ARG A 77 25.18 28.10 11.06
C ARG A 77 26.17 27.59 10.00
N SER A 78 26.83 26.44 10.24
CA SER A 78 27.78 25.85 9.29
C SER A 78 27.09 25.21 8.09
N GLY A 79 25.87 24.71 8.31
CA GLY A 79 25.05 24.10 7.26
C GLY A 79 24.23 25.09 6.45
N TRP A 80 24.35 26.40 6.76
CA TRP A 80 23.65 27.52 6.12
C TRP A 80 24.32 27.90 4.79
N LYS A 81 25.66 27.89 4.75
CA LYS A 81 26.45 28.18 3.56
C LYS A 81 26.15 27.05 2.54
N GLN A 82 25.99 25.83 3.07
CA GLN A 82 25.71 24.61 2.32
C GLN A 82 24.29 24.70 1.73
N GLU A 83 23.35 25.30 2.47
CA GLU A 83 22.00 25.51 1.98
C GLU A 83 22.06 26.47 0.77
N ILE A 84 22.66 27.65 0.97
CA ILE A 84 22.90 28.70 -0.02
C ILE A 84 23.56 28.13 -1.31
N ASP A 85 24.51 27.17 -1.18
CA ASP A 85 25.17 26.53 -2.31
C ASP A 85 24.30 25.48 -2.99
N ILE A 86 23.33 24.89 -2.26
CA ILE A 86 22.38 23.95 -2.85
C ILE A 86 21.47 24.72 -3.79
N LEU A 87 20.74 25.75 -3.29
CA LEU A 87 19.84 26.58 -4.10
C LEU A 87 20.58 27.31 -5.21
N ARG A 88 21.87 27.65 -4.96
CA ARG A 88 22.74 28.32 -5.93
C ARG A 88 22.84 27.54 -7.25
N THR A 89 23.00 26.22 -7.16
CA THR A 89 23.19 25.28 -8.26
C THR A 89 21.90 24.51 -8.68
N LEU A 90 20.72 24.94 -8.23
CA LEU A 90 19.49 24.28 -8.65
C LEU A 90 18.77 25.24 -9.58
N TYR A 91 18.52 24.79 -10.81
CA TYR A 91 17.86 25.55 -11.88
C TYR A 91 16.73 24.69 -12.38
N HIS A 92 15.48 24.87 -11.89
CA HIS A 92 14.34 24.10 -12.36
C HIS A 92 13.07 24.93 -12.28
N GLU A 93 12.17 24.77 -13.25
CA GLU A 93 10.93 25.55 -13.30
C GLU A 93 10.05 25.35 -12.06
N HIS A 94 10.21 24.23 -11.30
CA HIS A 94 9.42 24.00 -10.08
C HIS A 94 10.27 24.03 -8.79
N ILE A 95 11.33 24.82 -8.82
CA ILE A 95 12.23 25.11 -7.72
C ILE A 95 12.29 26.65 -7.67
N ILE A 96 12.15 27.27 -6.47
CA ILE A 96 12.24 28.72 -6.30
C ILE A 96 13.57 29.25 -6.88
N LYS A 97 13.51 30.39 -7.60
CA LYS A 97 14.69 31.00 -8.21
C LYS A 97 15.56 31.68 -7.17
N TYR A 98 16.85 31.31 -7.18
CA TYR A 98 17.89 31.93 -6.35
C TYR A 98 18.27 33.23 -7.09
N LYS A 99 18.47 34.31 -6.33
CA LYS A 99 18.87 35.60 -6.90
C LYS A 99 20.31 35.96 -6.53
N GLY A 100 20.66 35.84 -5.26
CA GLY A 100 21.99 36.19 -4.78
C GLY A 100 22.10 36.24 -3.28
N CYS A 101 23.14 36.92 -2.76
CA CYS A 101 23.38 37.06 -1.33
C CYS A 101 23.69 38.49 -0.92
N CYS A 102 23.43 38.85 0.36
CA CYS A 102 23.72 40.16 0.93
C CYS A 102 24.24 40.07 2.36
N LEU A 110 25.36 35.76 6.35
CA LEU A 110 24.79 35.79 5.00
C LEU A 110 23.25 35.74 4.98
N GLN A 111 22.69 36.41 3.97
CA GLN A 111 21.25 36.44 3.73
C GLN A 111 21.00 35.91 2.33
N LEU A 112 19.97 35.07 2.17
CA LEU A 112 19.62 34.45 0.90
C LEU A 112 18.51 35.23 0.17
N VAL A 113 18.86 35.80 -0.99
CA VAL A 113 17.94 36.56 -1.83
C VAL A 113 17.36 35.61 -2.89
N MET A 114 16.04 35.54 -2.96
CA MET A 114 15.33 34.65 -3.89
C MET A 114 14.23 35.43 -4.56
N GLU A 115 13.53 34.82 -5.51
CA GLU A 115 12.36 35.48 -6.08
C GLU A 115 11.20 35.43 -5.06
N TYR A 116 10.29 36.39 -5.15
CA TYR A 116 9.05 36.42 -4.38
C TYR A 116 8.07 35.57 -5.21
N VAL A 117 7.53 34.51 -4.62
CA VAL A 117 6.56 33.64 -5.29
C VAL A 117 5.21 34.16 -4.85
N PRO A 118 4.52 34.90 -5.76
CA PRO A 118 3.34 35.71 -5.40
C PRO A 118 2.24 35.19 -4.50
N LEU A 119 1.75 33.92 -4.65
CA LEU A 119 0.57 33.51 -3.84
C LEU A 119 0.90 32.75 -2.53
N GLY A 120 2.19 32.62 -2.23
CA GLY A 120 2.67 32.00 -1.00
C GLY A 120 2.56 30.49 -0.93
N SER A 121 2.80 29.91 0.28
CA SER A 121 2.72 28.47 0.51
C SER A 121 1.33 27.92 0.29
N LEU A 122 1.27 26.63 -0.12
CA LEU A 122 0.02 25.92 -0.32
C LEU A 122 -0.68 25.79 1.02
N ARG A 123 0.09 25.60 2.13
CA ARG A 123 -0.45 25.51 3.49
C ARG A 123 -1.31 26.74 3.89
N ASP A 124 -0.88 27.95 3.50
CA ASP A 124 -1.62 29.19 3.83
C ASP A 124 -2.73 29.43 2.80
N TYR A 125 -2.48 29.06 1.53
CA TYR A 125 -3.40 29.29 0.44
C TYR A 125 -4.61 28.36 0.43
N LEU A 126 -4.42 27.02 0.53
CA LEU A 126 -5.50 26.06 0.34
C LEU A 126 -6.68 26.16 1.32
N PRO A 127 -6.50 26.40 2.65
CA PRO A 127 -7.70 26.51 3.52
C PRO A 127 -8.60 27.71 3.19
N ARG A 128 -8.05 28.69 2.43
CA ARG A 128 -8.73 29.94 2.05
C ARG A 128 -9.30 29.92 0.63
N HIS A 129 -8.74 29.08 -0.28
CA HIS A 129 -9.21 28.97 -1.67
C HIS A 129 -9.51 27.53 -2.04
N SER A 130 -10.79 27.22 -2.30
CA SER A 130 -11.22 25.88 -2.70
C SER A 130 -10.77 25.63 -4.13
N ILE A 131 -9.75 24.78 -4.25
CA ILE A 131 -9.11 24.41 -5.51
C ILE A 131 -9.64 23.04 -5.94
N GLY A 132 -9.85 22.86 -7.24
CA GLY A 132 -10.35 21.61 -7.78
C GLY A 132 -9.33 20.50 -7.78
N LEU A 133 -9.82 19.26 -7.78
CA LEU A 133 -9.04 18.03 -7.78
C LEU A 133 -7.99 18.00 -8.88
N ALA A 134 -8.39 18.41 -10.11
CA ALA A 134 -7.55 18.50 -11.29
C ALA A 134 -6.29 19.36 -11.07
N GLN A 135 -6.48 20.56 -10.46
CA GLN A 135 -5.42 21.52 -10.11
C GLN A 135 -4.50 20.93 -9.03
N LEU A 136 -5.08 20.24 -8.06
CA LEU A 136 -4.29 19.60 -6.98
C LEU A 136 -3.37 18.54 -7.58
N LEU A 137 -3.91 17.73 -8.54
CA LEU A 137 -3.12 16.69 -9.21
C LEU A 137 -2.04 17.28 -10.07
N LEU A 138 -2.33 18.47 -10.65
CA LEU A 138 -1.35 19.20 -11.45
C LEU A 138 -0.20 19.68 -10.53
N PHE A 139 -0.54 20.29 -9.36
CA PHE A 139 0.47 20.72 -8.36
C PHE A 139 1.31 19.49 -7.90
N ALA A 140 0.63 18.36 -7.64
CA ALA A 140 1.25 17.09 -7.26
C ALA A 140 2.35 16.65 -8.27
N GLN A 141 2.05 16.76 -9.57
CA GLN A 141 2.93 16.43 -10.69
C GLN A 141 4.16 17.33 -10.73
N GLN A 142 3.96 18.66 -10.60
CA GLN A 142 5.04 19.65 -10.63
C GLN A 142 5.99 19.43 -9.43
N ILE A 143 5.44 19.07 -8.24
CA ILE A 143 6.26 18.75 -7.04
C ILE A 143 7.19 17.56 -7.40
N CYS A 144 6.65 16.53 -8.07
CA CYS A 144 7.44 15.37 -8.56
C CYS A 144 8.51 15.77 -9.55
N GLU A 145 8.23 16.66 -10.52
CA GLU A 145 9.26 17.07 -11.49
C GLU A 145 10.41 17.78 -10.75
N GLY A 146 10.08 18.74 -9.86
CA GLY A 146 11.11 19.41 -9.05
C GLY A 146 11.86 18.44 -8.15
N MET A 147 11.12 17.46 -7.59
CA MET A 147 11.74 16.46 -6.71
C MET A 147 12.65 15.49 -7.49
N ALA A 148 12.20 15.07 -8.68
CA ALA A 148 12.97 14.18 -9.58
C ALA A 148 14.25 14.90 -9.99
N TYR A 149 14.14 16.20 -10.32
CA TYR A 149 15.29 17.02 -10.69
C TYR A 149 16.24 17.10 -9.50
N LEU A 150 15.71 17.42 -8.28
CA LEU A 150 16.50 17.49 -7.06
C LEU A 150 17.25 16.19 -6.83
N HIS A 151 16.54 15.03 -6.93
CA HIS A 151 17.14 13.70 -6.72
C HIS A 151 18.22 13.38 -7.73
N SER A 152 18.04 13.84 -8.98
CA SER A 152 19.00 13.64 -10.08
C SER A 152 20.30 14.40 -9.84
N GLN A 153 20.25 15.44 -8.98
CA GLN A 153 21.39 16.27 -8.62
C GLN A 153 22.08 15.74 -7.38
N HIS A 154 21.59 14.58 -6.90
CA HIS A 154 22.04 13.79 -5.74
C HIS A 154 21.81 14.54 -4.42
N TYR A 155 20.61 15.11 -4.28
CA TYR A 155 20.17 15.80 -3.08
C TYR A 155 18.87 15.21 -2.57
N ILE A 156 18.73 15.12 -1.24
CA ILE A 156 17.48 14.71 -0.58
C ILE A 156 16.94 15.95 0.08
N HIS A 157 15.62 16.12 0.05
CA HIS A 157 14.99 17.32 0.60
C HIS A 157 14.84 17.31 2.11
N ARG A 158 14.27 16.20 2.64
CA ARG A 158 14.03 15.93 4.07
C ARG A 158 12.98 16.83 4.74
N ASP A 159 12.30 17.72 3.97
CA ASP A 159 11.25 18.56 4.56
C ASP A 159 10.10 18.77 3.58
N LEU A 160 9.85 17.77 2.73
CA LEU A 160 8.82 17.93 1.73
C LEU A 160 7.42 17.94 2.34
N ALA A 161 6.84 19.15 2.51
CA ALA A 161 5.50 19.35 3.07
C ALA A 161 4.80 20.48 2.36
N ALA A 162 3.44 20.54 2.40
CA ALA A 162 2.68 21.64 1.79
C ALA A 162 3.17 23.03 2.15
N ARG A 163 3.73 23.22 3.35
CA ARG A 163 4.25 24.54 3.79
C ARG A 163 5.52 24.95 2.99
N ASN A 164 6.20 24.01 2.33
CA ASN A 164 7.43 24.31 1.58
C ASN A 164 7.21 24.33 0.09
N VAL A 165 5.96 24.33 -0.32
CA VAL A 165 5.59 24.41 -1.71
C VAL A 165 4.85 25.76 -1.87
N LEU A 166 5.43 26.65 -2.68
CA LEU A 166 4.96 28.00 -2.99
C LEU A 166 4.18 28.05 -4.29
N LEU A 167 3.12 28.86 -4.32
CA LEU A 167 2.22 29.03 -5.47
C LEU A 167 2.58 30.27 -6.27
N ASP A 168 2.95 30.09 -7.56
CA ASP A 168 3.29 31.21 -8.44
C ASP A 168 2.01 31.79 -9.04
N ASN A 169 1.14 30.91 -9.55
CA ASN A 169 -0.20 31.23 -10.08
C ASN A 169 -1.02 29.95 -9.99
N ASP A 170 -2.36 30.01 -10.26
CA ASP A 170 -3.29 28.85 -10.16
C ASP A 170 -2.88 27.57 -10.95
N ARG A 171 -1.81 27.66 -11.77
CA ARG A 171 -1.26 26.59 -12.59
C ARG A 171 0.29 26.45 -12.47
N LEU A 172 0.94 27.15 -11.50
CA LEU A 172 2.38 27.03 -11.30
C LEU A 172 2.76 26.89 -9.83
N VAL A 173 3.52 25.82 -9.48
CA VAL A 173 3.97 25.56 -8.10
C VAL A 173 5.51 25.37 -8.05
N LYS A 174 6.14 25.76 -6.92
CA LYS A 174 7.59 25.66 -6.72
C LYS A 174 7.98 25.18 -5.30
N ILE A 175 9.04 24.35 -5.21
CA ILE A 175 9.60 23.93 -3.94
C ILE A 175 10.37 25.17 -3.45
N GLY A 176 9.89 25.75 -2.33
CA GLY A 176 10.36 27.01 -1.78
C GLY A 176 11.40 27.06 -0.69
N ASP A 177 11.62 25.95 0.04
CA ASP A 177 12.62 25.96 1.10
C ASP A 177 13.48 24.70 1.07
N PHE A 178 14.77 24.86 1.36
CA PHE A 178 15.73 23.77 1.36
C PHE A 178 16.59 23.82 2.63
N GLY A 179 15.96 24.18 3.76
CA GLY A 179 16.59 24.28 5.07
C GLY A 179 17.22 23.01 5.61
N LEU A 180 16.64 21.87 5.23
CA LEU A 180 17.12 20.55 5.64
C LEU A 180 17.80 19.77 4.53
N ALA A 181 17.75 20.23 3.28
CA ALA A 181 18.36 19.55 2.15
C ALA A 181 19.83 19.16 2.37
N LYS A 182 20.19 17.97 1.86
CA LYS A 182 21.50 17.33 2.03
C LYS A 182 21.89 16.59 0.78
N ALA A 183 23.20 16.59 0.49
CA ALA A 183 23.76 15.83 -0.63
C ALA A 183 23.88 14.37 -0.14
N VAL A 184 23.46 13.39 -0.94
CA VAL A 184 23.64 12.00 -0.51
C VAL A 184 25.12 11.69 -0.79
N PRO A 185 25.90 11.18 0.21
CA PRO A 185 27.32 10.89 -0.04
C PRO A 185 27.46 9.85 -1.15
N GLU A 186 28.40 10.12 -2.08
CA GLU A 186 28.69 9.39 -3.31
C GLU A 186 28.49 7.85 -3.27
N GLY A 187 29.18 7.16 -2.37
CA GLY A 187 29.05 5.69 -2.31
C GLY A 187 27.93 5.14 -1.44
N HIS A 188 26.91 5.95 -1.14
CA HIS A 188 25.81 5.49 -0.28
C HIS A 188 24.46 5.77 -0.89
N GLU A 189 23.46 4.98 -0.51
CA GLU A 189 22.08 5.11 -1.01
C GLU A 189 21.16 5.90 -0.03
N PTR A 190 21.76 6.43 1.05
CA PTR A 190 21.09 7.20 2.10
C PTR A 190 22.03 8.16 2.83
O PTR A 190 23.24 8.00 2.79
CB PTR A 190 20.39 6.24 3.14
CG PTR A 190 21.40 5.40 3.88
CD1 PTR A 190 21.67 4.11 3.40
CD2 PTR A 190 22.13 5.86 5.02
CE1 PTR A 190 22.62 3.28 4.01
CE2 PTR A 190 23.10 5.05 5.66
CZ PTR A 190 23.36 3.76 5.16
OH PTR A 190 24.30 2.93 5.78
P PTR A 190 25.73 3.07 5.14
O1P PTR A 190 26.67 2.19 5.96
O2P PTR A 190 25.74 2.56 3.70
O3P PTR A 190 26.24 4.53 5.28
N TYR A 191 21.43 9.15 3.53
CA TYR A 191 22.10 10.08 4.41
C TYR A 191 21.77 9.67 5.85
N ARG A 192 22.80 9.68 6.73
CA ARG A 192 22.64 9.37 8.15
C ARG A 192 22.18 10.66 8.89
N VAL A 193 20.94 10.69 9.36
CA VAL A 193 20.32 11.87 9.97
C VAL A 193 20.61 11.92 11.50
N ARG A 194 20.91 13.13 12.00
CA ARG A 194 21.31 13.37 13.40
C ARG A 194 20.16 13.79 14.31
N GLU A 195 19.16 12.88 14.51
CA GLU A 195 17.96 13.01 15.38
C GLU A 195 17.86 14.36 16.13
N ASP A 196 17.11 15.32 15.54
CA ASP A 196 16.94 16.66 16.09
C ASP A 196 15.51 16.86 16.61
N GLY A 197 15.27 18.02 17.20
CA GLY A 197 13.97 18.39 17.74
C GLY A 197 13.08 18.97 16.68
N ASP A 198 13.70 19.68 15.70
CA ASP A 198 13.04 20.35 14.57
C ASP A 198 12.79 19.42 13.34
N SER A 199 12.97 18.10 13.53
CA SER A 199 12.75 17.11 12.47
C SER A 199 11.25 16.89 12.22
N PRO A 200 10.77 16.94 10.96
CA PRO A 200 9.32 16.77 10.71
C PRO A 200 8.85 15.29 10.67
N VAL A 201 8.89 14.64 11.86
CA VAL A 201 8.57 13.23 12.11
C VAL A 201 7.19 12.75 11.53
N PHE A 202 6.18 13.64 11.40
CA PHE A 202 4.88 13.19 10.86
C PHE A 202 4.85 13.12 9.34
N TRP A 203 5.97 13.52 8.72
CA TRP A 203 6.17 13.49 7.25
C TRP A 203 7.24 12.44 6.97
N TYR A 204 7.68 11.71 8.00
CA TYR A 204 8.78 10.77 7.81
C TYR A 204 8.39 9.29 7.76
N ALA A 205 9.14 8.54 6.95
CA ALA A 205 9.06 7.10 6.74
C ALA A 205 9.72 6.37 7.93
N PRO A 206 9.28 5.14 8.28
CA PRO A 206 9.89 4.44 9.41
C PRO A 206 11.41 4.28 9.40
N GLU A 207 12.07 4.17 8.24
CA GLU A 207 13.55 4.02 8.21
C GLU A 207 14.26 5.30 8.73
N CYS A 208 13.57 6.45 8.66
CA CYS A 208 14.07 7.72 9.15
C CYS A 208 13.92 7.78 10.66
N LEU A 209 12.75 7.36 11.16
CA LEU A 209 12.34 7.38 12.55
C LEU A 209 12.97 6.28 13.43
N LYS A 210 13.42 5.17 12.81
CA LYS A 210 13.96 3.99 13.45
C LYS A 210 15.47 3.80 13.26
N GLU A 211 15.93 3.88 12.02
CA GLU A 211 17.32 3.62 11.68
C GLU A 211 18.08 4.91 11.41
N TYR A 212 17.36 6.06 11.40
CA TYR A 212 17.89 7.40 11.16
C TYR A 212 18.70 7.50 9.85
N LYS A 213 18.15 6.88 8.80
CA LYS A 213 18.70 6.87 7.44
C LYS A 213 17.69 7.56 6.53
N PHE A 214 18.17 8.48 5.66
CA PHE A 214 17.30 9.17 4.72
C PHE A 214 17.63 8.79 3.32
N TYR A 215 16.77 7.97 2.74
CA TYR A 215 16.94 7.46 1.38
C TYR A 215 16.22 8.39 0.43
N TYR A 216 16.42 8.25 -0.91
CA TYR A 216 15.64 9.05 -1.88
C TYR A 216 14.19 8.61 -1.73
N ALA A 217 13.98 7.32 -1.41
CA ALA A 217 12.65 6.77 -1.18
C ALA A 217 11.96 7.37 0.06
N SER A 218 12.75 8.03 0.97
CA SER A 218 12.18 8.67 2.16
C SER A 218 11.43 9.98 1.81
N ASP A 219 11.94 10.72 0.79
CA ASP A 219 11.27 11.91 0.26
C ASP A 219 9.94 11.50 -0.40
N VAL A 220 9.85 10.30 -0.99
CA VAL A 220 8.65 9.78 -1.64
C VAL A 220 7.57 9.57 -0.61
N TRP A 221 7.94 9.01 0.57
CA TRP A 221 7.02 8.84 1.69
C TRP A 221 6.40 10.21 2.06
N SER A 222 7.26 11.25 2.21
CA SER A 222 6.90 12.64 2.51
C SER A 222 6.02 13.24 1.41
N PHE A 223 6.28 12.92 0.13
CA PHE A 223 5.45 13.40 -0.98
C PHE A 223 4.03 12.83 -0.78
N GLY A 224 3.95 11.55 -0.39
CA GLY A 224 2.71 10.84 -0.13
C GLY A 224 1.91 11.60 0.90
N VAL A 225 2.64 12.13 1.95
CA VAL A 225 2.08 12.95 3.01
C VAL A 225 1.63 14.29 2.46
N THR A 226 2.50 14.95 1.66
CA THR A 226 2.19 16.22 1.02
C THR A 226 0.90 16.11 0.14
N LEU A 227 0.75 15.01 -0.58
CA LEU A 227 -0.40 14.74 -1.45
C LEU A 227 -1.65 14.64 -0.58
N TYR A 228 -1.55 13.99 0.58
CA TYR A 228 -2.59 13.89 1.59
C TYR A 228 -3.02 15.30 2.04
N GLU A 229 -2.03 16.18 2.35
CA GLU A 229 -2.25 17.59 2.74
C GLU A 229 -3.03 18.38 1.67
N LEU A 230 -2.60 18.28 0.39
CA LEU A 230 -3.26 18.93 -0.76
C LEU A 230 -4.70 18.48 -0.87
N LEU A 231 -4.94 17.16 -0.79
CA LEU A 231 -6.26 16.53 -0.88
C LEU A 231 -7.19 16.85 0.29
N THR A 232 -6.64 17.34 1.43
CA THR A 232 -7.40 17.78 2.60
C THR A 232 -7.49 19.30 2.64
N HIS A 233 -6.91 19.99 1.62
CA HIS A 233 -6.83 21.45 1.48
C HIS A 233 -6.06 22.08 2.62
N CYS A 234 -5.07 21.35 3.17
CA CYS A 234 -4.27 21.76 4.32
C CYS A 234 -5.13 22.18 5.55
N ASP A 235 -6.28 21.51 5.77
CA ASP A 235 -7.13 21.73 6.94
C ASP A 235 -6.37 21.25 8.17
N SER A 236 -6.23 22.12 9.18
CA SER A 236 -5.52 21.84 10.44
C SER A 236 -6.10 20.65 11.22
N SER A 237 -7.45 20.49 11.22
CA SER A 237 -8.11 19.36 11.92
C SER A 237 -7.80 17.99 11.26
N GLN A 238 -7.38 18.02 10.01
CA GLN A 238 -7.04 16.79 9.31
C GLN A 238 -5.53 16.68 9.08
N SER A 239 -4.73 17.59 9.62
CA SER A 239 -3.28 17.57 9.35
C SER A 239 -2.55 16.31 9.84
N PRO A 240 -1.40 15.92 9.24
CA PRO A 240 -0.67 14.75 9.74
C PRO A 240 -0.37 14.79 11.26
N PRO A 241 0.14 15.89 11.89
CA PRO A 241 0.36 15.84 13.35
C PRO A 241 -0.94 15.64 14.09
N THR A 242 -2.03 16.34 13.71
CA THR A 242 -3.34 16.14 14.33
C THR A 242 -3.77 14.67 14.26
N LYS A 243 -3.70 14.05 13.07
CA LYS A 243 -4.11 12.66 12.87
C LYS A 243 -3.23 11.63 13.58
N PHE A 244 -1.91 11.76 13.49
CA PHE A 244 -1.04 10.82 14.16
C PHE A 244 -1.11 10.92 15.72
N LEU A 245 -1.30 12.15 16.29
CA LEU A 245 -1.46 12.33 17.75
C LEU A 245 -2.79 11.79 18.28
N GLU A 246 -3.89 11.84 17.47
CA GLU A 246 -5.16 11.23 17.89
C GLU A 246 -4.92 9.71 18.02
N LEU A 247 -3.98 9.17 17.22
CA LEU A 247 -3.68 7.75 17.26
C LEU A 247 -2.68 7.38 18.36
N ILE A 248 -1.63 8.18 18.55
CA ILE A 248 -0.58 7.94 19.55
C ILE A 248 -1.01 8.29 20.99
N GLY A 249 -1.72 9.39 21.16
CA GLY A 249 -2.07 9.92 22.47
C GLY A 249 -1.10 11.02 22.81
N ILE A 250 -1.57 12.08 23.52
CA ILE A 250 -0.75 13.27 23.79
C ILE A 250 0.09 13.20 25.09
N ALA A 251 -0.03 12.08 25.86
CA ALA A 251 0.70 11.90 27.10
C ALA A 251 1.64 10.66 27.06
N GLN A 252 2.51 10.56 26.03
CA GLN A 252 3.39 9.41 25.84
C GLN A 252 4.83 9.61 26.27
N GLY A 253 5.09 10.60 27.13
CA GLY A 253 6.45 10.89 27.61
C GLY A 253 7.39 11.14 26.44
N GLN A 254 8.59 10.55 26.52
CA GLN A 254 9.58 10.67 25.45
C GLN A 254 9.26 9.71 24.28
N MET A 255 8.10 9.02 24.30
CA MET A 255 7.79 7.98 23.33
C MET A 255 6.80 8.34 22.23
N THR A 256 6.81 9.57 21.72
CA THR A 256 5.89 9.86 20.62
C THR A 256 6.43 9.25 19.32
N VAL A 257 7.74 9.42 19.03
CA VAL A 257 8.41 8.86 17.86
C VAL A 257 8.29 7.32 17.83
N LEU A 258 8.56 6.64 18.97
CA LEU A 258 8.51 5.19 19.08
C LEU A 258 7.11 4.65 18.81
N ARG A 259 6.08 5.27 19.37
CA ARG A 259 4.71 4.86 19.14
C ARG A 259 4.27 5.13 17.69
N LEU A 260 4.86 6.18 17.04
CA LEU A 260 4.56 6.49 15.64
C LEU A 260 5.15 5.39 14.76
N THR A 261 6.39 5.01 15.03
CA THR A 261 7.06 3.94 14.32
C THR A 261 6.26 2.64 14.38
N GLU A 262 5.76 2.24 15.57
CA GLU A 262 5.04 0.97 15.73
C GLU A 262 3.66 0.98 15.07
N LEU A 263 2.92 2.10 15.05
CA LEU A 263 1.64 2.13 14.31
C LEU A 263 1.89 2.05 12.82
N LEU A 264 3.02 2.62 12.35
CA LEU A 264 3.40 2.64 10.94
C LEU A 264 3.80 1.25 10.48
N GLU A 265 4.57 0.54 11.31
CA GLU A 265 4.99 -0.85 11.09
C GLU A 265 3.82 -1.85 11.22
N ARG A 266 2.71 -1.45 11.88
CA ARG A 266 1.50 -2.25 11.99
C ARG A 266 0.64 -2.00 10.75
N GLY A 267 1.11 -1.11 9.86
CA GLY A 267 0.41 -0.75 8.62
C GLY A 267 -0.72 0.26 8.78
N GLU A 268 -0.71 1.04 9.85
CA GLU A 268 -1.72 2.10 10.02
C GLU A 268 -1.25 3.32 9.22
N ARG A 269 -2.21 3.93 8.53
CA ARG A 269 -1.93 5.07 7.67
C ARG A 269 -2.91 6.21 7.89
N LEU A 270 -2.67 7.40 7.26
CA LEU A 270 -3.62 8.50 7.38
C LEU A 270 -4.89 8.10 6.62
N PRO A 271 -6.07 8.58 7.02
CA PRO A 271 -7.29 8.14 6.33
C PRO A 271 -7.41 8.68 4.94
N ARG A 272 -8.38 8.16 4.18
CA ARG A 272 -8.62 8.60 2.81
C ARG A 272 -9.27 10.00 2.88
N PRO A 273 -8.62 11.05 2.33
CA PRO A 273 -9.24 12.37 2.37
C PRO A 273 -10.60 12.32 1.70
N ASP A 274 -11.61 12.91 2.32
CA ASP A 274 -12.95 12.91 1.75
C ASP A 274 -12.91 13.57 0.38
N LYS A 275 -13.56 12.92 -0.59
CA LYS A 275 -13.68 13.31 -1.99
C LYS A 275 -12.47 12.88 -2.84
N CYS A 276 -11.37 12.42 -2.20
CA CYS A 276 -10.14 11.93 -2.85
C CYS A 276 -10.43 10.62 -3.59
N PRO A 277 -10.02 10.49 -4.89
CA PRO A 277 -10.25 9.22 -5.60
C PRO A 277 -9.53 8.02 -5.02
N ALA A 278 -10.21 6.89 -5.07
CA ALA A 278 -9.75 5.58 -4.60
C ALA A 278 -8.36 5.24 -5.17
N GLU A 279 -8.16 5.49 -6.47
CA GLU A 279 -6.88 5.22 -7.13
C GLU A 279 -5.78 6.16 -6.65
N VAL A 280 -6.11 7.46 -6.40
CA VAL A 280 -5.18 8.46 -5.87
C VAL A 280 -4.76 8.03 -4.47
N TYR A 281 -5.72 7.51 -3.67
CA TYR A 281 -5.46 6.97 -2.33
C TYR A 281 -4.50 5.80 -2.37
N HIS A 282 -4.68 4.88 -3.34
CA HIS A 282 -3.80 3.73 -3.49
C HIS A 282 -2.42 4.15 -3.94
N LEU A 283 -2.33 5.26 -4.68
CA LEU A 283 -1.06 5.80 -5.07
C LEU A 283 -0.41 6.40 -3.79
N MET A 284 -1.21 7.10 -2.89
CA MET A 284 -0.69 7.64 -1.63
C MET A 284 -0.13 6.49 -0.84
N LYS A 285 -0.99 5.46 -0.57
CA LYS A 285 -0.64 4.25 0.19
C LYS A 285 0.62 3.55 -0.36
N ASN A 286 0.82 3.55 -1.70
CA ASN A 286 2.01 2.94 -2.35
C ASN A 286 3.29 3.81 -2.12
N CYS A 287 3.14 5.15 -1.92
CA CYS A 287 4.25 6.08 -1.53
C CYS A 287 4.59 5.79 -0.06
N TRP A 288 3.61 5.19 0.69
CA TRP A 288 3.74 4.83 2.09
C TRP A 288 4.00 3.36 2.33
N GLU A 289 4.69 2.68 1.41
CA GLU A 289 5.04 1.29 1.66
C GLU A 289 6.05 1.30 2.77
N THR A 290 5.92 0.36 3.74
CA THR A 290 6.85 0.22 4.86
C THR A 290 8.24 -0.08 4.28
N GLU A 291 8.28 -0.98 3.29
CA GLU A 291 9.50 -1.33 2.56
C GLU A 291 9.79 -0.21 1.56
N ALA A 292 10.89 0.53 1.79
CA ALA A 292 11.33 1.65 0.97
C ALA A 292 11.46 1.31 -0.50
N SER A 293 12.09 0.15 -0.81
CA SER A 293 12.30 -0.32 -2.19
C SER A 293 11.01 -0.55 -2.93
N PHE A 294 9.91 -0.82 -2.22
CA PHE A 294 8.61 -1.07 -2.89
C PHE A 294 7.89 0.23 -3.31
N ARG A 295 8.47 1.38 -2.94
CA ARG A 295 7.88 2.68 -3.23
C ARG A 295 8.24 3.14 -4.66
N PRO A 296 7.38 3.95 -5.32
CA PRO A 296 7.76 4.48 -6.64
C PRO A 296 8.82 5.57 -6.52
N THR A 297 9.67 5.76 -7.54
CA THR A 297 10.64 6.84 -7.53
C THR A 297 9.90 8.11 -8.00
N PHE A 298 10.55 9.27 -7.96
CA PHE A 298 9.86 10.46 -8.48
C PHE A 298 9.66 10.39 -10.01
N GLU A 299 10.66 9.83 -10.71
CA GLU A 299 10.61 9.59 -12.17
C GLU A 299 9.36 8.74 -12.52
N ASN A 300 9.07 7.66 -11.75
CA ASN A 300 7.92 6.75 -11.95
C ASN A 300 6.61 7.45 -11.80
N LEU A 301 6.55 8.41 -10.86
CA LEU A 301 5.34 9.12 -10.49
C LEU A 301 4.87 10.11 -11.55
N ILE A 302 5.80 10.82 -12.22
CA ILE A 302 5.49 11.85 -13.26
C ILE A 302 4.54 11.31 -14.37
N PRO A 303 4.84 10.21 -15.15
CA PRO A 303 3.88 9.71 -16.16
C PRO A 303 2.53 9.34 -15.56
N ILE A 304 2.54 8.76 -14.36
CA ILE A 304 1.34 8.35 -13.63
C ILE A 304 0.47 9.56 -13.23
N LEU A 305 1.07 10.60 -12.63
CA LEU A 305 0.31 11.80 -12.20
C LEU A 305 -0.22 12.63 -13.38
N LYS A 306 0.57 12.65 -14.50
CA LYS A 306 0.19 13.34 -15.73
C LYS A 306 -1.10 12.75 -16.29
N THR A 307 -1.22 11.40 -16.28
CA THR A 307 -2.38 10.65 -16.74
C THR A 307 -3.59 10.90 -15.86
N VAL A 308 -3.40 10.78 -14.52
CA VAL A 308 -4.46 10.98 -13.50
C VAL A 308 -4.98 12.41 -13.58
N HIS A 309 -4.06 13.39 -13.82
CA HIS A 309 -4.43 14.81 -13.98
C HIS A 309 -5.30 14.99 -15.23
N GLU A 310 -4.82 14.46 -16.38
CA GLU A 310 -5.47 14.50 -17.68
C GLU A 310 -6.87 13.94 -17.55
N LYS A 311 -7.01 12.84 -16.79
CA LYS A 311 -8.27 12.17 -16.52
C LYS A 311 -9.26 13.09 -15.79
N TYR A 312 -8.77 13.85 -14.80
CA TYR A 312 -9.66 14.69 -14.01
C TYR A 312 -9.81 16.11 -14.60
N GLN A 313 -8.98 16.44 -15.61
CA GLN A 313 -8.99 17.68 -16.38
C GLN A 313 -10.23 17.66 -17.32
N GLY A 314 -10.81 16.47 -17.49
CA GLY A 314 -12.02 16.24 -18.29
C GLY A 314 -13.17 15.82 -17.36
N PRO B 25 -28.17 -7.19 -0.48
CA PRO B 25 -29.10 -6.10 -0.17
C PRO B 25 -28.86 -4.82 -0.96
N THR B 26 -27.58 -4.52 -1.29
CA THR B 26 -27.19 -3.33 -2.04
C THR B 26 -27.33 -3.59 -3.53
N VAL B 27 -27.93 -2.63 -4.25
CA VAL B 27 -28.14 -2.73 -5.69
C VAL B 27 -27.25 -1.72 -6.44
N PHE B 28 -26.27 -2.24 -7.19
CA PHE B 28 -25.35 -1.44 -7.99
C PHE B 28 -25.92 -1.33 -9.38
N HIS B 29 -26.05 -0.09 -9.88
CA HIS B 29 -26.59 0.18 -11.19
C HIS B 29 -25.51 -0.03 -12.24
N LYS B 30 -25.82 -0.86 -13.23
CA LYS B 30 -24.96 -1.25 -14.35
C LYS B 30 -24.38 -0.07 -15.15
N ARG B 31 -25.16 1.05 -15.26
CA ARG B 31 -24.74 2.24 -16.01
C ARG B 31 -23.54 2.96 -15.37
N TYR B 32 -23.46 2.96 -14.02
CA TYR B 32 -22.38 3.62 -13.28
C TYR B 32 -21.11 2.76 -13.19
N LEU B 33 -21.23 1.46 -13.48
CA LEU B 33 -20.13 0.50 -13.46
C LEU B 33 -19.29 0.58 -14.71
N LYS B 34 -18.13 1.22 -14.60
CA LYS B 34 -17.17 1.41 -15.68
C LYS B 34 -16.01 0.41 -15.52
N LYS B 35 -15.91 -0.57 -16.43
CA LYS B 35 -14.87 -1.60 -16.39
C LYS B 35 -13.48 -0.96 -16.53
N ILE B 36 -12.52 -1.40 -15.71
CA ILE B 36 -11.16 -0.87 -15.77
C ILE B 36 -10.23 -1.91 -16.38
N ARG B 37 -10.21 -3.11 -15.78
CA ARG B 37 -9.39 -4.26 -16.19
C ARG B 37 -9.94 -5.55 -15.59
N ASP B 38 -9.58 -6.68 -16.21
CA ASP B 38 -9.92 -8.00 -15.68
C ASP B 38 -8.88 -8.26 -14.58
N LEU B 39 -9.32 -8.84 -13.46
CA LEU B 39 -8.45 -9.18 -12.34
C LEU B 39 -8.06 -10.65 -12.31
N GLY B 40 -9.01 -11.53 -12.65
CA GLY B 40 -8.80 -12.97 -12.70
C GLY B 40 -9.99 -13.77 -13.19
N GLU B 41 -9.76 -15.05 -13.56
CA GLU B 41 -10.83 -15.93 -14.01
C GLU B 41 -10.61 -17.41 -13.65
N GLY B 42 -11.72 -18.10 -13.42
CA GLY B 42 -11.80 -19.52 -13.15
C GLY B 42 -12.43 -20.23 -14.34
N HIS B 43 -12.82 -21.49 -14.17
CA HIS B 43 -13.44 -22.28 -15.24
C HIS B 43 -14.83 -21.70 -15.57
N PHE B 44 -15.61 -21.34 -14.53
CA PHE B 44 -16.98 -20.81 -14.69
C PHE B 44 -17.18 -19.48 -13.94
N GLY B 45 -16.12 -18.69 -13.86
CA GLY B 45 -16.15 -17.41 -13.18
C GLY B 45 -15.10 -16.44 -13.70
N LYS B 46 -15.39 -15.15 -13.58
CA LYS B 46 -14.51 -14.04 -13.98
C LYS B 46 -14.68 -12.90 -12.97
N VAL B 47 -13.58 -12.28 -12.53
CA VAL B 47 -13.54 -11.16 -11.60
C VAL B 47 -12.87 -9.96 -12.27
N SER B 48 -13.59 -8.84 -12.34
CA SER B 48 -13.05 -7.63 -12.97
C SER B 48 -13.10 -6.42 -12.08
N LEU B 49 -12.14 -5.50 -12.28
CA LEU B 49 -12.12 -4.23 -11.54
C LEU B 49 -12.98 -3.20 -12.26
N TYR B 50 -13.83 -2.52 -11.49
CA TYR B 50 -14.72 -1.51 -12.01
C TYR B 50 -14.69 -0.26 -11.17
N CYS B 51 -14.95 0.88 -11.81
CA CYS B 51 -15.13 2.15 -11.12
C CYS B 51 -16.64 2.36 -11.09
N TYR B 52 -17.21 2.53 -9.90
CA TYR B 52 -18.63 2.78 -9.75
C TYR B 52 -18.79 4.30 -9.57
N ASP B 53 -18.90 5.01 -10.71
CA ASP B 53 -19.01 6.47 -10.72
C ASP B 53 -20.38 6.96 -11.18
N PRO B 54 -21.31 7.20 -10.22
CA PRO B 54 -22.63 7.75 -10.61
C PRO B 54 -22.52 9.16 -11.22
N THR B 55 -21.55 9.98 -10.72
CA THR B 55 -21.22 11.32 -11.19
C THR B 55 -20.16 11.19 -12.29
N ASN B 56 -18.87 11.26 -11.89
CA ASN B 56 -17.61 11.14 -12.67
C ASN B 56 -16.41 11.64 -11.81
N ASP B 57 -16.73 12.23 -10.63
CA ASP B 57 -15.77 12.81 -9.66
C ASP B 57 -15.10 11.76 -8.75
N GLY B 58 -14.13 12.22 -7.94
CA GLY B 58 -13.34 11.43 -7.01
C GLY B 58 -14.04 10.56 -5.99
N THR B 59 -15.35 10.82 -5.73
CA THR B 59 -16.18 10.03 -4.79
C THR B 59 -16.36 8.58 -5.28
N GLY B 60 -16.18 8.38 -6.60
CA GLY B 60 -16.27 7.11 -7.29
C GLY B 60 -15.35 6.06 -6.67
N GLU B 61 -15.97 4.95 -6.23
CA GLU B 61 -15.27 3.85 -5.58
C GLU B 61 -14.93 2.72 -6.55
N MET B 62 -13.78 2.09 -6.28
CA MET B 62 -13.26 0.96 -7.00
C MET B 62 -13.83 -0.30 -6.37
N VAL B 63 -14.50 -1.09 -7.20
CA VAL B 63 -15.14 -2.35 -6.79
C VAL B 63 -14.66 -3.52 -7.65
N ALA B 64 -14.62 -4.72 -7.05
CA ALA B 64 -14.31 -5.97 -7.74
C ALA B 64 -15.66 -6.62 -8.05
N VAL B 65 -15.91 -6.96 -9.33
CA VAL B 65 -17.16 -7.57 -9.73
C VAL B 65 -16.93 -8.99 -10.30
N LYS B 66 -17.55 -9.99 -9.64
CA LYS B 66 -17.49 -11.40 -10.01
C LYS B 66 -18.72 -11.83 -10.75
N ALA B 67 -18.53 -12.48 -11.91
CA ALA B 67 -19.63 -12.98 -12.74
C ALA B 67 -19.42 -14.42 -13.13
N LEU B 68 -20.54 -15.12 -13.31
CA LEU B 68 -20.60 -16.50 -13.77
C LEU B 68 -20.60 -16.46 -15.30
N LYS B 69 -19.68 -17.20 -15.97
CA LYS B 69 -19.69 -17.25 -17.43
C LYS B 69 -20.96 -17.99 -17.89
N ALA B 70 -21.93 -17.26 -18.52
CA ALA B 70 -23.27 -17.68 -19.01
C ALA B 70 -23.37 -19.11 -19.64
N ASP B 71 -22.23 -19.66 -20.10
CA ASP B 71 -22.12 -21.02 -20.67
C ASP B 71 -22.31 -22.15 -19.64
N ALA B 72 -21.95 -21.90 -18.36
CA ALA B 72 -22.04 -22.84 -17.22
C ALA B 72 -23.44 -23.47 -17.06
N GLY B 73 -23.47 -24.75 -16.67
CA GLY B 73 -24.70 -25.52 -16.50
C GLY B 73 -25.59 -25.10 -15.35
N PRO B 74 -26.69 -25.86 -15.07
CA PRO B 74 -27.60 -25.48 -13.98
C PRO B 74 -27.01 -25.72 -12.58
N GLN B 75 -26.12 -26.73 -12.44
CA GLN B 75 -25.46 -27.08 -11.18
C GLN B 75 -24.56 -25.91 -10.75
N HIS B 76 -23.77 -25.38 -11.69
CA HIS B 76 -22.91 -24.23 -11.45
C HIS B 76 -23.70 -22.94 -11.20
N ARG B 77 -24.89 -22.79 -11.82
CA ARG B 77 -25.76 -21.63 -11.66
C ARG B 77 -26.51 -21.61 -10.32
N SER B 78 -26.97 -22.79 -9.86
CA SER B 78 -27.65 -22.94 -8.56
C SER B 78 -26.60 -22.79 -7.44
N GLY B 79 -25.39 -23.27 -7.71
CA GLY B 79 -24.25 -23.18 -6.79
C GLY B 79 -23.77 -21.76 -6.59
N TRP B 80 -23.89 -20.94 -7.66
CA TRP B 80 -23.55 -19.52 -7.72
C TRP B 80 -24.42 -18.73 -6.75
N LYS B 81 -25.71 -19.08 -6.67
CA LYS B 81 -26.63 -18.44 -5.72
C LYS B 81 -26.17 -18.76 -4.31
N GLN B 82 -25.76 -20.05 -4.08
CA GLN B 82 -25.23 -20.53 -2.79
C GLN B 82 -23.94 -19.73 -2.46
N GLU B 83 -23.08 -19.54 -3.49
CA GLU B 83 -21.82 -18.77 -3.43
C GLU B 83 -22.08 -17.34 -2.95
N ILE B 84 -23.05 -16.65 -3.58
CA ILE B 84 -23.42 -15.28 -3.17
C ILE B 84 -24.01 -15.29 -1.74
N ASP B 85 -24.83 -16.33 -1.42
CA ASP B 85 -25.44 -16.52 -0.09
C ASP B 85 -24.39 -16.66 1.01
N ILE B 86 -23.31 -17.42 0.74
CA ILE B 86 -22.22 -17.66 1.69
C ILE B 86 -21.48 -16.37 2.01
N LEU B 87 -20.97 -15.64 0.99
CA LEU B 87 -20.23 -14.38 1.20
C LEU B 87 -21.11 -13.28 1.82
N ARG B 88 -22.43 -13.25 1.53
CA ARG B 88 -23.38 -12.28 2.10
C ARG B 88 -23.42 -12.38 3.65
N THR B 89 -23.36 -13.62 4.19
CA THR B 89 -23.42 -13.89 5.64
C THR B 89 -22.04 -14.09 6.31
N LEU B 90 -20.95 -13.74 5.63
CA LEU B 90 -19.63 -13.86 6.27
C LEU B 90 -19.10 -12.47 6.50
N TYR B 91 -18.81 -12.15 7.74
CA TYR B 91 -18.20 -10.88 8.03
C TYR B 91 -17.09 -11.17 9.00
N HIS B 92 -15.88 -11.04 8.49
CA HIS B 92 -14.67 -11.24 9.25
C HIS B 92 -13.57 -10.38 8.67
N GLU B 93 -12.70 -9.89 9.55
CA GLU B 93 -11.54 -9.06 9.23
C GLU B 93 -10.63 -9.66 8.15
N HIS B 94 -10.59 -11.01 8.04
CA HIS B 94 -9.73 -11.69 7.06
C HIS B 94 -10.51 -12.47 5.98
N ILE B 95 -11.69 -11.95 5.65
CA ILE B 95 -12.59 -12.44 4.61
C ILE B 95 -12.92 -11.18 3.79
N ILE B 96 -12.84 -11.28 2.44
CA ILE B 96 -13.17 -10.16 1.53
C ILE B 96 -14.58 -9.61 1.82
N LYS B 97 -14.72 -8.28 1.81
CA LYS B 97 -16.01 -7.62 2.05
C LYS B 97 -16.94 -7.74 0.89
N TYR B 98 -18.13 -8.25 1.15
CA TYR B 98 -19.21 -8.26 0.19
C TYR B 98 -19.67 -6.78 0.11
N LYS B 99 -20.03 -6.33 -1.08
CA LYS B 99 -20.47 -4.94 -1.28
C LYS B 99 -21.98 -4.92 -1.64
N GLY B 100 -22.38 -5.81 -2.55
CA GLY B 100 -23.76 -5.93 -3.02
C GLY B 100 -23.87 -6.76 -4.28
N CYS B 101 -25.00 -6.61 -4.98
CA CYS B 101 -25.26 -7.33 -6.22
C CYS B 101 -25.74 -6.41 -7.32
N CYS B 102 -25.26 -6.70 -8.51
CA CYS B 102 -25.61 -5.98 -9.70
C CYS B 102 -26.41 -6.94 -10.54
N GLU B 103 -27.52 -6.45 -11.10
CA GLU B 103 -28.35 -7.23 -11.99
C GLU B 103 -27.54 -7.40 -13.28
N ASP B 104 -26.88 -8.57 -13.42
CA ASP B 104 -26.08 -8.95 -14.59
C ASP B 104 -27.07 -9.20 -15.71
N ALA B 105 -27.36 -8.14 -16.49
CA ALA B 105 -28.31 -8.19 -17.61
C ALA B 105 -27.79 -9.07 -18.76
N GLY B 106 -26.47 -9.08 -18.97
CA GLY B 106 -25.80 -9.88 -20.00
C GLY B 106 -25.83 -11.38 -19.75
N ALA B 107 -26.09 -11.79 -18.50
CA ALA B 107 -26.17 -13.21 -18.15
C ALA B 107 -27.52 -13.56 -17.47
N ALA B 108 -28.41 -12.56 -17.28
CA ALA B 108 -29.73 -12.64 -16.61
C ALA B 108 -29.59 -12.91 -15.10
N SER B 109 -28.50 -13.61 -14.71
CA SER B 109 -28.14 -13.98 -13.34
C SER B 109 -27.60 -12.77 -12.55
N LEU B 110 -26.85 -13.03 -11.48
CA LEU B 110 -26.28 -11.97 -10.67
C LEU B 110 -24.79 -11.79 -10.91
N GLN B 111 -24.29 -10.64 -10.48
CA GLN B 111 -22.89 -10.20 -10.49
C GLN B 111 -22.59 -9.82 -9.04
N LEU B 112 -21.53 -10.40 -8.49
CA LEU B 112 -21.12 -10.18 -7.11
C LEU B 112 -20.15 -9.00 -6.97
N VAL B 113 -20.60 -7.96 -6.28
CA VAL B 113 -19.82 -6.75 -6.04
C VAL B 113 -19.13 -6.91 -4.69
N MET B 114 -17.81 -6.74 -4.66
CA MET B 114 -17.02 -6.91 -3.44
C MET B 114 -16.07 -5.74 -3.35
N GLU B 115 -15.35 -5.64 -2.26
CA GLU B 115 -14.31 -4.62 -2.20
C GLU B 115 -13.14 -5.04 -3.10
N TYR B 116 -12.38 -4.04 -3.58
CA TYR B 116 -11.14 -4.23 -4.32
C TYR B 116 -10.09 -4.34 -3.23
N VAL B 117 -9.36 -5.45 -3.18
CA VAL B 117 -8.30 -5.67 -2.19
C VAL B 117 -7.04 -5.23 -2.92
N PRO B 118 -6.53 -4.01 -2.57
CA PRO B 118 -5.47 -3.34 -3.38
C PRO B 118 -4.27 -4.09 -3.92
N LEU B 119 -3.59 -4.97 -3.17
CA LEU B 119 -2.34 -5.53 -3.71
C LEU B 119 -2.46 -6.90 -4.43
N GLY B 120 -3.71 -7.41 -4.52
CA GLY B 120 -4.06 -8.64 -5.22
C GLY B 120 -3.65 -9.91 -4.50
N SER B 121 -3.73 -11.04 -5.22
CA SER B 121 -3.41 -12.37 -4.67
C SER B 121 -1.96 -12.48 -4.27
N LEU B 122 -1.71 -13.34 -3.26
CA LEU B 122 -0.36 -13.62 -2.77
C LEU B 122 0.43 -14.30 -3.88
N ARG B 123 -0.24 -15.15 -4.68
CA ARG B 123 0.33 -15.84 -5.87
C ARG B 123 0.98 -14.88 -6.90
N ASP B 124 0.36 -13.71 -7.13
CA ASP B 124 0.88 -12.72 -8.07
C ASP B 124 1.87 -11.78 -7.39
N TYR B 125 1.64 -11.49 -6.11
CA TYR B 125 2.46 -10.58 -5.33
C TYR B 125 3.81 -11.13 -4.91
N LEU B 126 3.84 -12.33 -4.29
CA LEU B 126 5.07 -12.87 -3.69
C LEU B 126 6.25 -13.10 -4.64
N PRO B 127 6.10 -13.61 -5.89
CA PRO B 127 7.29 -13.76 -6.74
C PRO B 127 7.96 -12.43 -7.14
N ARG B 128 7.24 -11.31 -6.96
CA ARG B 128 7.67 -9.97 -7.33
C ARG B 128 8.16 -9.14 -6.13
N HIS B 129 7.72 -9.48 -4.89
CA HIS B 129 8.13 -8.78 -3.66
C HIS B 129 8.65 -9.73 -2.62
N SER B 130 9.96 -9.64 -2.29
CA SER B 130 10.59 -10.47 -1.27
C SER B 130 10.12 -10.03 0.09
N ILE B 131 9.25 -10.84 0.68
CA ILE B 131 8.62 -10.62 1.98
C ILE B 131 9.36 -11.45 3.03
N GLY B 132 9.55 -10.89 4.22
CA GLY B 132 10.22 -11.57 5.32
C GLY B 132 9.38 -12.68 5.93
N LEU B 133 10.07 -13.61 6.56
CA LEU B 133 9.51 -14.79 7.22
C LEU B 133 8.43 -14.42 8.23
N ALA B 134 8.69 -13.40 9.03
CA ALA B 134 7.81 -12.83 10.05
C ALA B 134 6.44 -12.43 9.47
N GLN B 135 6.45 -11.71 8.32
CA GLN B 135 5.26 -11.27 7.59
C GLN B 135 4.50 -12.46 7.03
N LEU B 136 5.22 -13.46 6.51
CA LEU B 136 4.60 -14.68 5.96
C LEU B 136 3.85 -15.41 7.09
N LEU B 137 4.47 -15.52 8.29
CA LEU B 137 3.85 -16.17 9.44
C LEU B 137 2.65 -15.39 9.94
N LEU B 138 2.70 -14.05 9.80
CA LEU B 138 1.57 -13.19 10.14
C LEU B 138 0.42 -13.47 9.19
N PHE B 139 0.68 -13.51 7.85
CA PHE B 139 -0.33 -13.84 6.82
C PHE B 139 -0.93 -15.24 7.11
N ALA B 140 -0.04 -16.21 7.45
CA ALA B 140 -0.42 -17.58 7.81
C ALA B 140 -1.47 -17.60 8.95
N GLN B 141 -1.25 -16.80 9.99
CA GLN B 141 -2.11 -16.63 11.17
C GLN B 141 -3.48 -16.05 10.81
N GLN B 142 -3.50 -14.99 9.98
CA GLN B 142 -4.74 -14.34 9.54
C GLN B 142 -5.57 -15.30 8.71
N ILE B 143 -4.92 -16.16 7.85
CA ILE B 143 -5.64 -17.17 7.05
C ILE B 143 -6.35 -18.13 8.02
N CYS B 144 -5.66 -18.54 9.12
CA CYS B 144 -6.26 -19.38 10.16
C CYS B 144 -7.43 -18.73 10.85
N GLU B 145 -7.34 -17.44 11.21
CA GLU B 145 -8.46 -16.74 11.86
C GLU B 145 -9.68 -16.74 10.93
N GLY B 146 -9.49 -16.35 9.66
CA GLY B 146 -10.58 -16.37 8.67
C GLY B 146 -11.12 -17.77 8.43
N MET B 147 -10.22 -18.76 8.42
CA MET B 147 -10.62 -20.15 8.24
C MET B 147 -11.38 -20.71 9.44
N ALA B 148 -10.91 -20.39 10.67
CA ALA B 148 -11.54 -20.79 11.92
C ALA B 148 -12.94 -20.19 11.96
N TYR B 149 -13.06 -18.90 11.57
CA TYR B 149 -14.36 -18.21 11.54
C TYR B 149 -15.25 -18.93 10.53
N LEU B 150 -14.73 -19.21 9.30
CA LEU B 150 -15.48 -19.93 8.27
C LEU B 150 -15.98 -21.27 8.80
N HIS B 151 -15.09 -22.06 9.44
CA HIS B 151 -15.43 -23.38 10.00
C HIS B 151 -16.47 -23.31 11.11
N SER B 152 -16.42 -22.22 11.93
CA SER B 152 -17.37 -21.96 13.01
C SER B 152 -18.78 -21.65 12.48
N GLN B 153 -18.87 -21.24 11.20
CA GLN B 153 -20.13 -20.92 10.53
C GLN B 153 -20.66 -22.13 9.80
N HIS B 154 -19.97 -23.28 9.97
CA HIS B 154 -20.23 -24.61 9.43
C HIS B 154 -20.09 -24.65 7.90
N TYR B 155 -19.01 -24.06 7.40
CA TYR B 155 -18.65 -24.04 5.99
C TYR B 155 -17.24 -24.58 5.78
N ILE B 156 -17.04 -25.34 4.69
CA ILE B 156 -15.74 -25.82 4.24
C ILE B 156 -15.37 -25.04 2.99
N HIS B 157 -14.12 -24.63 2.86
CA HIS B 157 -13.68 -23.81 1.74
C HIS B 157 -13.46 -24.59 0.45
N ARG B 158 -12.70 -25.69 0.53
CA ARG B 158 -12.37 -26.61 -0.57
C ARG B 158 -11.44 -26.02 -1.66
N ASP B 159 -10.95 -24.78 -1.51
CA ASP B 159 -10.05 -24.20 -2.50
C ASP B 159 -8.99 -23.30 -1.84
N LEU B 160 -8.60 -23.68 -0.61
CA LEU B 160 -7.66 -22.85 0.11
C LEU B 160 -6.26 -22.91 -0.51
N ALA B 161 -5.89 -21.88 -1.29
CA ALA B 161 -4.58 -21.78 -1.93
C ALA B 161 -4.09 -20.34 -1.93
N ALA B 162 -2.78 -20.09 -2.11
CA ALA B 162 -2.23 -18.72 -2.19
C ALA B 162 -2.93 -17.83 -3.18
N ARG B 163 -3.47 -18.41 -4.26
CA ARG B 163 -4.21 -17.68 -5.31
CA ARG B 163 -4.19 -17.66 -5.29
C ARG B 163 -5.52 -17.08 -4.78
N ASN B 164 -6.06 -17.62 -3.67
CA ASN B 164 -7.35 -17.17 -3.12
C ASN B 164 -7.20 -16.32 -1.88
N VAL B 165 -5.97 -15.90 -1.62
CA VAL B 165 -5.67 -15.04 -0.50
C VAL B 165 -5.17 -13.71 -1.10
N LEU B 166 -5.93 -12.66 -0.83
CA LEU B 166 -5.70 -11.29 -1.32
C LEU B 166 -5.00 -10.42 -0.28
N LEU B 167 -4.08 -9.59 -0.73
CA LEU B 167 -3.27 -8.70 0.12
C LEU B 167 -3.88 -7.29 0.17
N ASP B 168 -4.27 -6.83 1.38
CA ASP B 168 -4.84 -5.48 1.57
C ASP B 168 -3.71 -4.48 1.69
N ASN B 169 -2.72 -4.78 2.54
CA ASN B 169 -1.50 -4.02 2.79
C ASN B 169 -0.47 -5.00 3.34
N ASP B 170 0.83 -4.60 3.46
CA ASP B 170 1.94 -5.44 3.92
C ASP B 170 1.73 -6.15 5.29
N ARG B 171 0.62 -5.82 6.00
CA ARG B 171 0.23 -6.37 7.29
C ARG B 171 -1.27 -6.83 7.34
N LEU B 172 -1.98 -6.87 6.19
CA LEU B 172 -3.37 -7.32 6.14
C LEU B 172 -3.66 -8.28 4.98
N VAL B 173 -4.20 -9.48 5.28
CA VAL B 173 -4.56 -10.48 4.26
C VAL B 173 -6.04 -10.92 4.39
N LYS B 174 -6.68 -11.26 3.24
CA LYS B 174 -8.08 -11.72 3.21
C LYS B 174 -8.32 -12.93 2.29
N ILE B 175 -9.19 -13.86 2.72
CA ILE B 175 -9.64 -14.97 1.89
C ILE B 175 -10.59 -14.31 0.86
N GLY B 176 -10.17 -14.32 -0.42
CA GLY B 176 -10.83 -13.63 -1.52
C GLY B 176 -11.82 -14.35 -2.42
N ASP B 177 -11.84 -15.69 -2.42
CA ASP B 177 -12.77 -16.43 -3.28
C ASP B 177 -13.41 -17.58 -2.56
N PHE B 178 -14.68 -17.82 -2.80
CA PHE B 178 -15.46 -18.88 -2.17
C PHE B 178 -16.28 -19.65 -3.20
N GLY B 179 -15.69 -19.84 -4.40
CA GLY B 179 -16.30 -20.53 -5.54
C GLY B 179 -16.68 -21.96 -5.29
N LEU B 180 -15.89 -22.65 -4.43
CA LEU B 180 -16.11 -24.05 -4.09
C LEU B 180 -16.71 -24.27 -2.69
N ALA B 181 -16.77 -23.23 -1.86
CA ALA B 181 -17.31 -23.31 -0.50
C ALA B 181 -18.68 -24.02 -0.42
N LYS B 182 -18.87 -24.80 0.65
CA LYS B 182 -20.04 -25.62 0.91
C LYS B 182 -20.34 -25.65 2.40
N ALA B 183 -21.64 -25.73 2.74
CA ALA B 183 -22.09 -25.88 4.11
C ALA B 183 -21.97 -27.35 4.46
N VAL B 184 -21.41 -27.69 5.62
CA VAL B 184 -21.34 -29.12 5.98
C VAL B 184 -22.74 -29.47 6.52
N PRO B 185 -23.40 -30.54 6.00
CA PRO B 185 -24.75 -30.87 6.51
C PRO B 185 -24.69 -31.21 7.99
N GLU B 186 -25.66 -30.66 8.74
CA GLU B 186 -25.82 -30.71 10.20
C GLU B 186 -25.37 -32.02 10.90
N GLY B 187 -25.92 -33.17 10.51
CA GLY B 187 -25.56 -34.44 11.15
C GLY B 187 -24.34 -35.16 10.60
N HIS B 188 -23.47 -34.46 9.86
CA HIS B 188 -22.30 -35.09 9.27
C HIS B 188 -21.04 -34.33 9.58
N GLU B 189 -19.89 -35.02 9.56
CA GLU B 189 -18.59 -34.40 9.82
C GLU B 189 -17.81 -34.11 8.53
N PTR B 190 -18.46 -34.32 7.35
CA PTR B 190 -17.90 -34.09 6.02
C PTR B 190 -18.99 -33.83 4.94
O PTR B 190 -20.17 -34.11 5.18
CB PTR B 190 -17.00 -35.31 5.57
CG PTR B 190 -17.84 -36.58 5.44
CD1 PTR B 190 -17.89 -37.47 6.54
CD2 PTR B 190 -18.60 -36.89 4.26
CE1 PTR B 190 -18.67 -38.63 6.49
CE2 PTR B 190 -19.39 -38.05 4.20
CZ PTR B 190 -19.43 -38.94 5.33
OH PTR B 190 -20.17 -40.13 5.33
P PTR B 190 -21.65 -39.92 5.81
O1P PTR B 190 -21.61 -39.60 7.33
O2P PTR B 190 -22.40 -38.84 5.05
O3P PTR B 190 -22.41 -41.21 5.54
N TYR B 191 -18.56 -33.46 3.72
CA TYR B 191 -19.42 -33.27 2.54
C TYR B 191 -18.99 -34.24 1.42
N ARG B 192 -19.96 -34.91 0.75
CA ARG B 192 -19.71 -35.82 -0.38
C ARG B 192 -19.49 -34.94 -1.60
N VAL B 193 -18.24 -34.89 -2.09
CA VAL B 193 -17.85 -33.96 -3.14
C VAL B 193 -18.35 -34.34 -4.56
N ARG B 194 -18.10 -35.59 -5.04
CA ARG B 194 -18.41 -36.03 -6.42
C ARG B 194 -17.46 -35.23 -7.37
N GLU B 195 -16.21 -35.76 -7.58
CA GLU B 195 -15.12 -35.10 -8.34
C GLU B 195 -15.39 -34.76 -9.80
N ASP B 196 -14.76 -33.63 -10.23
CA ASP B 196 -14.79 -33.06 -11.56
C ASP B 196 -13.37 -32.61 -11.96
N GLY B 197 -13.23 -32.00 -13.13
CA GLY B 197 -11.93 -31.57 -13.64
C GLY B 197 -11.33 -30.30 -13.07
N ASP B 198 -12.18 -29.45 -12.45
CA ASP B 198 -11.73 -28.18 -11.85
C ASP B 198 -11.36 -28.30 -10.35
N SER B 199 -11.28 -29.54 -9.84
CA SER B 199 -10.93 -29.79 -8.43
C SER B 199 -9.43 -29.58 -8.19
N PRO B 200 -9.02 -28.80 -7.16
CA PRO B 200 -7.57 -28.57 -6.93
C PRO B 200 -6.85 -29.70 -6.18
N VAL B 201 -6.70 -30.86 -6.86
CA VAL B 201 -6.12 -32.11 -6.35
C VAL B 201 -4.73 -31.97 -5.68
N PHE B 202 -3.89 -31.01 -6.07
CA PHE B 202 -2.57 -30.89 -5.45
C PHE B 202 -2.59 -30.15 -4.11
N TRP B 203 -3.79 -29.68 -3.72
CA TRP B 203 -4.07 -28.98 -2.45
C TRP B 203 -4.96 -29.89 -1.61
N TYR B 204 -5.22 -31.12 -2.09
CA TYR B 204 -6.13 -32.01 -1.40
C TYR B 204 -5.50 -33.15 -0.62
N ALA B 205 -6.15 -33.49 0.50
CA ALA B 205 -5.83 -34.57 1.44
C ALA B 205 -6.32 -35.90 0.84
N PRO B 206 -5.66 -37.03 1.16
CA PRO B 206 -6.08 -38.32 0.59
C PRO B 206 -7.55 -38.69 0.77
N GLU B 207 -8.24 -38.32 1.85
CA GLU B 207 -9.67 -38.68 2.01
C GLU B 207 -10.56 -37.99 0.94
N CYS B 208 -10.09 -36.87 0.37
CA CYS B 208 -10.79 -36.14 -0.68
C CYS B 208 -10.58 -36.86 -2.02
N LEU B 209 -9.31 -37.27 -2.29
CA LEU B 209 -8.85 -37.93 -3.50
C LEU B 209 -9.24 -39.41 -3.63
N LYS B 210 -9.52 -40.09 -2.49
CA LYS B 210 -9.82 -41.51 -2.40
C LYS B 210 -11.28 -41.83 -2.04
N GLU B 211 -11.81 -41.17 -1.01
CA GLU B 211 -13.15 -41.44 -0.51
C GLU B 211 -14.14 -40.37 -0.92
N TYR B 212 -13.63 -39.29 -1.56
CA TYR B 212 -14.39 -38.14 -2.04
C TYR B 212 -15.28 -37.50 -0.92
N LYS B 213 -14.68 -37.37 0.26
CA LYS B 213 -15.28 -36.75 1.46
C LYS B 213 -14.44 -35.53 1.83
N PHE B 214 -15.11 -34.39 2.14
CA PHE B 214 -14.39 -33.18 2.53
C PHE B 214 -14.72 -32.83 3.95
N TYR B 215 -13.74 -33.07 4.83
CA TYR B 215 -13.88 -32.82 6.26
C TYR B 215 -13.37 -31.42 6.55
N TYR B 216 -13.59 -30.88 7.77
CA TYR B 216 -13.01 -29.59 8.15
C TYR B 216 -11.50 -29.79 8.19
N ALA B 217 -11.06 -31.00 8.56
CA ALA B 217 -9.63 -31.34 8.57
C ALA B 217 -9.02 -31.38 7.16
N SER B 218 -9.88 -31.42 6.10
CA SER B 218 -9.37 -31.40 4.71
C SER B 218 -8.88 -29.99 4.29
N ASP B 219 -9.57 -28.92 4.83
CA ASP B 219 -9.11 -27.54 4.65
C ASP B 219 -7.75 -27.32 5.34
N VAL B 220 -7.49 -28.02 6.47
CA VAL B 220 -6.24 -27.90 7.21
C VAL B 220 -5.11 -28.44 6.38
N TRP B 221 -5.34 -29.58 5.68
CA TRP B 221 -4.35 -30.14 4.74
C TRP B 221 -3.95 -29.06 3.70
N SER B 222 -4.98 -28.41 3.08
CA SER B 222 -4.85 -27.35 2.09
C SER B 222 -4.12 -26.12 2.66
N PHE B 223 -4.35 -25.78 3.95
CA PHE B 223 -3.68 -24.66 4.60
C PHE B 223 -2.19 -24.99 4.64
N GLY B 224 -1.85 -26.23 4.99
CA GLY B 224 -0.46 -26.69 5.03
C GLY B 224 0.17 -26.42 3.68
N VAL B 225 -0.57 -26.77 2.60
CA VAL B 225 -0.11 -26.53 1.22
C VAL B 225 0.06 -25.04 0.97
N THR B 226 -0.94 -24.22 1.37
CA THR B 226 -0.89 -22.77 1.26
C THR B 226 0.35 -22.17 2.00
N LEU B 227 0.67 -22.70 3.19
CA LEU B 227 1.79 -22.28 3.98
C LEU B 227 3.09 -22.61 3.23
N TYR B 228 3.13 -23.78 2.58
CA TYR B 228 4.24 -24.21 1.73
C TYR B 228 4.44 -23.18 0.60
N GLU B 229 3.34 -22.77 -0.08
CA GLU B 229 3.34 -21.76 -1.14
C GLU B 229 3.93 -20.42 -0.68
N LEU B 230 3.46 -19.90 0.48
CA LEU B 230 3.93 -18.65 1.08
C LEU B 230 5.45 -18.73 1.33
N LEU B 231 5.88 -19.84 1.94
CA LEU B 231 7.29 -20.10 2.28
C LEU B 231 8.22 -20.27 1.06
N THR B 232 7.65 -20.56 -0.11
CA THR B 232 8.37 -20.68 -1.39
C THR B 232 8.21 -19.40 -2.22
N HIS B 233 7.47 -18.39 -1.68
CA HIS B 233 7.16 -17.11 -2.32
C HIS B 233 6.33 -17.30 -3.59
N CYS B 234 5.50 -18.35 -3.62
CA CYS B 234 4.71 -18.76 -4.79
C CYS B 234 5.53 -18.89 -6.10
N ASP B 235 6.79 -19.37 -5.99
CA ASP B 235 7.65 -19.62 -7.16
C ASP B 235 7.05 -20.80 -7.92
N SER B 236 6.81 -20.62 -9.24
CA SER B 236 6.22 -21.63 -10.13
C SER B 236 7.01 -22.93 -10.20
N SER B 237 8.37 -22.85 -10.20
CA SER B 237 9.26 -24.03 -10.22
C SER B 237 9.15 -24.87 -8.92
N GLN B 238 8.65 -24.26 -7.85
CA GLN B 238 8.50 -24.99 -6.60
C GLN B 238 7.05 -25.23 -6.26
N SER B 239 6.12 -24.90 -7.16
CA SER B 239 4.69 -25.01 -6.84
C SER B 239 4.20 -26.46 -6.56
N PRO B 240 3.09 -26.66 -5.79
CA PRO B 240 2.58 -28.04 -5.58
C PRO B 240 2.36 -28.83 -6.85
N PRO B 241 1.69 -28.32 -7.95
CA PRO B 241 1.56 -29.15 -9.17
C PRO B 241 2.91 -29.49 -9.76
N THR B 242 3.84 -28.50 -9.85
CA THR B 242 5.21 -28.76 -10.35
C THR B 242 5.89 -29.91 -9.56
N LYS B 243 5.85 -29.84 -8.21
CA LYS B 243 6.49 -30.82 -7.34
C LYS B 243 5.84 -32.18 -7.36
N PHE B 244 4.50 -32.26 -7.28
CA PHE B 244 3.85 -33.55 -7.34
C PHE B 244 3.99 -34.26 -8.72
N LEU B 245 3.98 -33.49 -9.84
CA LEU B 245 4.16 -34.07 -11.18
C LEU B 245 5.58 -34.57 -11.41
N GLU B 246 6.64 -33.91 -10.82
CA GLU B 246 8.01 -34.43 -10.91
C GLU B 246 8.05 -35.81 -10.23
N LEU B 247 7.17 -36.01 -9.23
CA LEU B 247 7.12 -37.29 -8.51
C LEU B 247 6.25 -38.33 -9.24
N ILE B 248 5.07 -37.94 -9.75
CA ILE B 248 4.12 -38.82 -10.42
C ILE B 248 4.56 -39.20 -11.87
N GLY B 249 5.08 -38.23 -12.61
CA GLY B 249 5.41 -38.40 -14.01
C GLY B 249 4.27 -37.81 -14.83
N ILE B 250 4.60 -37.19 -15.98
CA ILE B 250 3.61 -36.48 -16.80
C ILE B 250 2.88 -37.38 -17.83
N ALA B 251 3.22 -38.68 -17.91
CA ALA B 251 2.60 -39.62 -18.84
C ALA B 251 1.87 -40.79 -18.12
N GLN B 252 0.98 -40.49 -17.14
CA GLN B 252 0.30 -41.52 -16.36
C GLN B 252 -1.14 -41.84 -16.74
N GLY B 253 -1.53 -41.50 -17.97
CA GLY B 253 -2.88 -41.72 -18.46
C GLY B 253 -3.92 -41.13 -17.54
N GLN B 254 -4.98 -41.89 -17.24
CA GLN B 254 -6.04 -41.45 -16.34
C GLN B 254 -5.62 -41.58 -14.85
N MET B 255 -4.36 -41.95 -14.58
CA MET B 255 -3.92 -42.25 -13.23
C MET B 255 -3.04 -41.18 -12.54
N THR B 256 -3.32 -39.90 -12.73
CA THR B 256 -2.52 -38.91 -12.01
C THR B 256 -3.01 -38.86 -10.56
N VAL B 257 -4.35 -38.80 -10.34
CA VAL B 257 -4.97 -38.77 -9.01
C VAL B 257 -4.57 -40.01 -8.19
N LEU B 258 -4.67 -41.23 -8.79
CA LEU B 258 -4.34 -42.49 -8.15
C LEU B 258 -2.90 -42.56 -7.69
N ARG B 259 -1.97 -42.15 -8.56
CA ARG B 259 -0.55 -42.12 -8.20
C ARG B 259 -0.26 -41.07 -7.14
N LEU B 260 -1.04 -39.96 -7.09
CA LEU B 260 -0.87 -38.93 -6.08
C LEU B 260 -1.30 -39.50 -4.72
N THR B 261 -2.44 -40.17 -4.70
CA THR B 261 -2.96 -40.81 -3.50
C THR B 261 -1.94 -41.80 -2.92
N GLU B 262 -1.33 -42.68 -3.75
CA GLU B 262 -0.39 -43.68 -3.26
C GLU B 262 0.93 -43.08 -2.76
N LEU B 263 1.47 -42.00 -3.39
CA LEU B 263 2.68 -41.38 -2.83
C LEU B 263 2.39 -40.71 -1.49
N LEU B 264 1.15 -40.18 -1.35
CA LEU B 264 0.71 -39.51 -0.12
C LEU B 264 0.54 -40.50 1.00
N GLU B 265 -0.05 -41.69 0.70
CA GLU B 265 -0.24 -42.80 1.64
C GLU B 265 1.08 -43.50 1.98
N ARG B 266 2.13 -43.30 1.17
CA ARG B 266 3.48 -43.81 1.42
C ARG B 266 4.24 -42.81 2.29
N GLY B 267 3.56 -41.71 2.64
CA GLY B 267 4.14 -40.64 3.47
C GLY B 267 5.06 -39.67 2.76
N GLU B 268 4.97 -39.57 1.41
CA GLU B 268 5.77 -38.60 0.67
C GLU B 268 5.08 -37.26 0.75
N ARG B 269 5.85 -36.21 0.95
CA ARG B 269 5.36 -34.86 1.12
C ARG B 269 6.18 -33.87 0.29
N LEU B 270 5.71 -32.60 0.20
CA LEU B 270 6.45 -31.54 -0.49
C LEU B 270 7.72 -31.28 0.31
N PRO B 271 8.83 -30.88 -0.34
CA PRO B 271 10.08 -30.68 0.42
C PRO B 271 10.00 -29.47 1.34
N ARG B 272 10.96 -29.35 2.26
CA ARG B 272 11.01 -28.20 3.13
C ARG B 272 11.49 -27.03 2.30
N PRO B 273 10.70 -25.95 2.26
CA PRO B 273 11.10 -24.77 1.50
C PRO B 273 12.43 -24.25 2.02
N ASP B 274 13.33 -23.82 1.13
CA ASP B 274 14.62 -23.28 1.58
C ASP B 274 14.35 -22.03 2.42
N LYS B 275 15.16 -21.82 3.48
CA LYS B 275 14.99 -20.72 4.44
C LYS B 275 13.61 -20.80 5.18
N CYS B 276 13.03 -22.03 5.29
CA CYS B 276 11.83 -22.26 6.11
C CYS B 276 12.30 -22.92 7.41
N PRO B 277 11.88 -22.43 8.60
CA PRO B 277 12.30 -23.08 9.86
C PRO B 277 11.81 -24.52 10.01
N ALA B 278 12.69 -25.34 10.59
CA ALA B 278 12.49 -26.75 10.87
C ALA B 278 11.16 -26.98 11.63
N GLU B 279 10.87 -26.11 12.63
CA GLU B 279 9.64 -26.22 13.41
C GLU B 279 8.40 -25.88 12.57
N VAL B 280 8.52 -24.87 11.66
CA VAL B 280 7.43 -24.47 10.75
C VAL B 280 7.15 -25.64 9.83
N TYR B 281 8.22 -26.33 9.35
CA TYR B 281 8.09 -27.52 8.50
C TYR B 281 7.36 -28.62 9.20
N HIS B 282 7.65 -28.86 10.51
CA HIS B 282 6.98 -29.90 11.28
C HIS B 282 5.53 -29.55 11.53
N LEU B 283 5.23 -28.26 11.59
CA LEU B 283 3.85 -27.81 11.72
C LEU B 283 3.15 -28.06 10.38
N MET B 284 3.80 -27.71 9.25
CA MET B 284 3.32 -27.97 7.88
C MET B 284 3.02 -29.50 7.72
N LYS B 285 4.01 -30.38 8.02
CA LYS B 285 3.91 -31.86 8.01
C LYS B 285 2.77 -32.38 8.91
N ASN B 286 2.50 -31.71 10.05
CA ASN B 286 1.43 -32.13 10.97
C ASN B 286 0.03 -31.75 10.42
N CYS B 287 -0.03 -30.77 9.51
CA CYS B 287 -1.23 -30.38 8.81
C CYS B 287 -1.48 -31.40 7.74
N TRP B 288 -0.40 -32.08 7.30
CA TRP B 288 -0.42 -33.14 6.30
C TRP B 288 -0.41 -34.53 6.88
N GLU B 289 -1.02 -34.74 8.05
CA GLU B 289 -1.11 -36.10 8.59
C GLU B 289 -2.03 -36.84 7.68
N THR B 290 -1.72 -38.11 7.33
CA THR B 290 -2.56 -38.96 6.49
C THR B 290 -3.90 -39.17 7.23
N GLU B 291 -3.81 -39.41 8.55
CA GLU B 291 -4.97 -39.54 9.40
C GLU B 291 -5.51 -38.13 9.69
N ALA B 292 -6.72 -37.83 9.16
CA ALA B 292 -7.39 -36.53 9.30
C ALA B 292 -7.52 -36.07 10.75
N SER B 293 -7.95 -36.97 11.65
CA SER B 293 -8.14 -36.69 13.07
C SER B 293 -6.85 -36.28 13.77
N PHE B 294 -5.69 -36.69 13.25
CA PHE B 294 -4.39 -36.34 13.86
C PHE B 294 -3.95 -34.91 13.51
N ARG B 295 -4.69 -34.23 12.62
CA ARG B 295 -4.36 -32.88 12.18
C ARG B 295 -4.86 -31.81 13.19
N PRO B 296 -4.19 -30.66 13.29
CA PRO B 296 -4.71 -29.60 14.16
C PRO B 296 -5.94 -28.92 13.54
N THR B 297 -6.83 -28.36 14.37
CA THR B 297 -7.97 -27.60 13.87
C THR B 297 -7.47 -26.19 13.58
N PHE B 298 -8.29 -25.35 12.95
CA PHE B 298 -7.82 -23.96 12.76
C PHE B 298 -7.69 -23.20 14.09
N GLU B 299 -8.61 -23.46 15.04
CA GLU B 299 -8.58 -22.90 16.39
C GLU B 299 -7.23 -23.21 17.07
N ASN B 300 -6.74 -24.50 16.97
CA ASN B 300 -5.46 -24.97 17.55
C ASN B 300 -4.27 -24.22 16.99
N LEU B 301 -4.34 -23.88 15.69
CA LEU B 301 -3.25 -23.28 14.95
C LEU B 301 -2.99 -21.83 15.32
N ILE B 302 -4.06 -21.04 15.59
CA ILE B 302 -3.97 -19.60 15.90
C ILE B 302 -2.98 -19.30 17.07
N PRO B 303 -3.14 -19.88 18.32
CA PRO B 303 -2.15 -19.60 19.39
C PRO B 303 -0.73 -19.99 19.00
N ILE B 304 -0.57 -21.10 18.26
CA ILE B 304 0.70 -21.60 17.79
C ILE B 304 1.37 -20.65 16.79
N LEU B 305 0.63 -20.20 15.76
CA LEU B 305 1.18 -19.29 14.73
C LEU B 305 1.50 -17.90 15.28
N LYS B 306 0.68 -17.43 16.25
CA LYS B 306 0.87 -16.15 16.92
C LYS B 306 2.22 -16.13 17.64
N THR B 307 2.57 -17.24 18.33
CA THR B 307 3.83 -17.42 19.06
C THR B 307 5.01 -17.46 18.11
N VAL B 308 4.92 -18.30 17.04
CA VAL B 308 5.95 -18.48 16.01
C VAL B 308 6.21 -17.15 15.30
N HIS B 309 5.14 -16.36 15.05
CA HIS B 309 5.24 -15.04 14.42
C HIS B 309 6.00 -14.08 15.35
N GLU B 310 5.57 -14.01 16.63
CA GLU B 310 6.16 -13.18 17.67
C GLU B 310 7.64 -13.48 17.77
N LYS B 311 8.00 -14.78 17.68
CA LYS B 311 9.36 -15.26 17.75
C LYS B 311 10.22 -14.71 16.60
N TYR B 312 9.64 -14.67 15.38
CA TYR B 312 10.40 -14.23 14.22
C TYR B 312 10.28 -12.71 13.98
N GLN B 313 9.37 -12.05 14.70
CA GLN B 313 9.14 -10.60 14.72
C GLN B 313 10.30 -9.92 15.46
N GLY B 314 11.08 -10.72 16.19
CA GLY B 314 12.26 -10.30 16.94
C GLY B 314 13.51 -10.94 16.33
N3 UWP C . 7.22 33.87 -0.78
C4 UWP C . 2.93 34.71 1.48
N2 UWP C . 1.75 35.32 1.18
C7 UWP C . 7.66 33.11 0.32
C6 UWP C . 5.95 34.44 -0.80
C9 UWP C . 9.28 33.35 -1.21
C13 UWP C . 8.16 31.13 2.58
C20 UWP C . 8.64 28.09 2.18
C8 UWP C . 9.00 32.77 0.05
N5 UWP C . 5.49 33.38 1.36
C18 UWP C . 12.40 29.87 6.79
C16 UWP C . 10.29 29.53 4.35
C19 UWP C . 8.33 28.03 3.60
C1 UWP C . 0.81 36.46 -0.82
N1 UWP C . 1.88 35.74 -0.12
C2 UWP C . 3.13 35.43 -0.67
C3 UWP C . 3.82 34.76 0.35
C5 UWP C . 5.14 34.19 0.28
N4 UWP C . 8.19 34.02 -1.72
C10 UWP C . 6.72 32.86 1.37
C11 UWP C . 7.07 31.99 2.46
C12 UWP C . 6.26 31.78 3.64
N6 UWP C . 6.82 30.84 4.42
N7 UWP C . 7.97 30.46 3.79
C14 UWP C . 8.74 29.32 4.29
C15 UWP C . 8.75 29.20 5.84
N8 UWP C . 10.26 29.19 5.82
C17 UWP C . 10.87 30.19 6.71
F1 UWP C . 13.08 30.86 7.39
F2 UWP C . 12.99 29.72 5.59
F3 UWP C . 12.70 28.77 7.48
N9 UWP C . 8.87 28.10 1.05
H5 UWP C . 3.13 34.28 2.45
H6 UWP C . 5.69 35.06 -1.67
H8 UWP C . 10.22 33.31 -1.76
H10 UWP C . 9.00 30.98 1.91
H7 UWP C . 9.66 32.19 0.67
H14 UWP C . 10.90 28.81 3.78
H13 UWP C . 10.64 30.55 4.06
H18 UWP C . 8.84 27.15 4.05
H17 UWP C . 7.24 27.85 3.75
H3 UWP C . 0.06 36.86 -0.11
H1 UWP C . 1.21 37.30 -1.40
H2 UWP C . 0.27 35.77 -1.51
H4 UWP C . 3.41 35.68 -1.68
H9 UWP C . 5.33 32.29 3.89
H12 UWP C . 8.34 28.25 6.26
H11 UWP C . 8.24 30.01 6.42
H16 UWP C . 10.73 31.26 6.43
H15 UWP C . 10.43 30.09 7.73
N3 UWP D . -9.02 -7.92 -6.11
C4 UWP D . -4.97 -7.56 -8.81
N2 UWP D . -3.91 -6.71 -8.96
C7 UWP D . -9.24 -9.23 -6.59
C6 UWP D . -7.86 -7.22 -6.42
C9 UWP D . -10.97 -8.51 -5.36
C13 UWP D . -9.24 -12.15 -7.42
C20 UWP D . -9.00 -14.66 -5.49
C8 UWP D . -10.51 -9.61 -6.12
N5 UWP D . -7.10 -9.15 -7.72
C18 UWP D . -12.98 -16.07 -10.21
C16 UWP D . -10.96 -14.75 -7.98
C19 UWP D . -8.77 -15.38 -6.73
C1 UWP D . -3.03 -4.75 -7.73
N1 UWP D . -4.03 -5.80 -7.93
C2 UWP D . -5.15 -6.05 -7.14
C3 UWP D . -5.76 -7.18 -7.68
C5 UWP D . -6.95 -7.85 -7.24
N4 UWP D . -10.06 -7.47 -5.35
C10 UWP D . -8.21 -9.81 -7.39
C11 UWP D . -8.32 -11.18 -7.83
C12 UWP D . -7.43 -11.82 -8.74
N6 UWP D . -7.76 -13.13 -8.89
N7 UWP D . -8.86 -13.31 -8.10
C14 UWP D . -9.41 -14.65 -7.92
C15 UWP D . -9.35 -15.53 -9.21
N8 UWP D . -10.84 -15.74 -9.12
C17 UWP D . -11.57 -15.41 -10.35
F1 UWP D . -13.78 -15.79 -11.24
F2 UWP D . -13.65 -15.68 -9.11
F3 UWP D . -12.95 -17.41 -10.16
N9 UWP D . -9.19 -14.10 -4.50
H5 UWP D . -5.13 -8.40 -9.48
H6 UWP D . -7.74 -6.22 -6.00
H8 UWP D . -11.91 -8.41 -4.82
H10 UWP D . -10.06 -12.08 -6.72
H7 UWP D . -11.01 -10.54 -6.29
H14 UWP D . -11.45 -15.20 -7.09
H13 UWP D . -11.49 -13.79 -8.18
H18 UWP D . -9.17 -16.41 -6.64
H17 UWP D . -7.67 -15.50 -6.90
H3 UWP D . -2.43 -4.96 -6.83
H1 UWP D . -2.34 -4.68 -8.59
H2 UWP D . -3.52 -3.77 -7.61
H4 UWP D . -5.42 -5.44 -6.28
H9 UWP D . -6.58 -11.37 -9.26
H12 UWP D . -8.80 -16.49 -9.13
H11 UWP D . -8.96 -15.05 -10.13
H16 UWP D . -11.69 -14.32 -10.58
H15 UWP D . -11.05 -15.85 -11.22
#